data_6R3G
#
_entry.id   6R3G
#
_cell.length_a   96.132
_cell.length_b   64.054
_cell.length_c   87.748
_cell.angle_alpha   90.00
_cell.angle_beta   90.00
_cell.angle_gamma   90.00
#
_symmetry.space_group_name_H-M   'P 21 21 2'
#
loop_
_entity.id
_entity.type
_entity.pdbx_description
1 polymer 'Ferulic acid decarboxylase 1'
2 non-polymer 'MANGANESE (II) ION'
3 non-polymer 'POTASSIUM ION'
4 non-polymer '[(2~{R},3~{S},4~{S})-5-[(16~{S})-16-[(1~{S})-1-fluoranyl-2-phenyl-ethyl]-11,12,14,14-tetramethyl-5-oxidanyl-3-oxidanylidene-1,4,6,8-tetrazatetracyclo[7.7.1.0^{2,7}.0^{13,17}]heptadeca-2(7),5,9(17),10,12-pentaen-8-yl]-2,3,4-tris(oxidanyl)pentyl] dihydrogen phosphate'
5 water water
#
_entity_poly.entity_id   1
_entity_poly.type   'polypeptide(L)'
_entity_poly.pdbx_seq_one_letter_code
;MSAQPAHLCFRSFVEALKVDNDLVEINTPIDPNLEAAAITRRVCETNDKAPLFNNLIGMKNGLFRILGAPGSLRKSSADR
YGRLARHLALPPTASMREILDKMLSASDMPPIPPTIVPTGPCKENSLDDSEFDLTELPVPLIHKSDGGKYIQTYGMHIVQ
SPDGTWTNWSIARAMVHDKNHLTGLVIPPQHIWQIHQMWKKEGRSDVPWALAFGVPPAAIMASSMPIPDGVTEAGYVGAM
TGSSLELVKCDTNDLYVPATSEIVLEGTLSISETGPEGPFGQMHGYIFPGDTHLGAKYKVNRITYRNNAIMPMSSCGRLT
DETHTMIGSLAAAEIRKLCQQNDLPITDAFAPFESQVTWVALRVDTEKLRAMKTTSEGFRKRVGDVVFNHKAGYTIHRLV
LVGDDIDVYEGKDVLWAFSTRCRPGMDETLFEDVRGFPLIPYMGHGNGPAHRGGKVVSDALMPTEYTTGRNWEAADFNQS
YPEDLKQKVLDNWTKMGFSNLEHHHHHH
;
_entity_poly.pdbx_strand_id   A
#
# COMPACT_ATOMS: atom_id res chain seq x y z
N GLN A 4 11.34 -10.21 -20.01
CA GLN A 4 10.19 -10.22 -19.19
C GLN A 4 9.60 -8.80 -19.12
N PRO A 5 8.31 -8.65 -19.15
CA PRO A 5 7.69 -7.32 -19.01
C PRO A 5 7.88 -6.71 -17.63
N ALA A 6 7.88 -5.38 -17.60
CA ALA A 6 8.13 -4.65 -16.32
C ALA A 6 7.18 -5.04 -15.22
N HIS A 7 5.90 -5.28 -15.53
CA HIS A 7 4.93 -5.56 -14.48
C HIS A 7 5.09 -7.00 -13.96
N LEU A 8 5.84 -7.85 -14.66
CA LEU A 8 6.03 -9.25 -14.32
C LEU A 8 7.40 -9.55 -13.81
N CYS A 9 8.32 -8.59 -13.74
CA CYS A 9 9.70 -8.87 -13.38
C CYS A 9 10.28 -7.60 -12.81
N PHE A 10 10.71 -7.66 -11.53
CA PHE A 10 11.25 -6.49 -10.89
C PHE A 10 12.47 -5.94 -11.58
N ARG A 11 13.37 -6.79 -12.06
CA ARG A 11 14.55 -6.31 -12.73
C ARG A 11 14.16 -5.47 -13.96
N SER A 12 13.16 -5.91 -14.71
CA SER A 12 12.64 -5.14 -15.83
C SER A 12 11.98 -3.85 -15.41
N PHE A 13 11.28 -3.87 -14.26
CA PHE A 13 10.71 -2.65 -13.70
C PHE A 13 11.77 -1.62 -13.44
N VAL A 14 12.89 -2.01 -12.88
CA VAL A 14 13.99 -1.05 -12.63
C VAL A 14 14.44 -0.44 -13.94
N GLU A 15 14.55 -1.22 -15.00
N GLU A 15 14.62 -1.29 -14.93
CA GLU A 15 14.89 -0.67 -16.35
CA GLU A 15 14.98 -0.82 -16.23
C GLU A 15 13.85 0.33 -16.81
C GLU A 15 13.94 0.11 -16.83
N ALA A 16 12.60 -0.07 -16.58
CA ALA A 16 11.57 0.84 -16.99
C ALA A 16 11.69 2.17 -16.33
N LEU A 17 11.98 2.24 -15.03
CA LEU A 17 12.16 3.51 -14.38
C LEU A 17 13.32 4.27 -15.01
N LYS A 18 14.40 3.61 -15.31
N LYS A 18 14.38 3.53 -15.35
CA LYS A 18 15.48 4.31 -15.98
CA LYS A 18 15.57 4.08 -16.03
C LYS A 18 15.06 4.90 -17.29
C LYS A 18 15.15 4.72 -17.37
N VAL A 19 14.59 3.95 -18.17
N VAL A 19 14.23 4.19 -18.15
CA VAL A 19 14.02 4.44 -19.42
CA VAL A 19 14.02 4.74 -19.47
C VAL A 19 13.09 5.62 -19.34
C VAL A 19 12.92 5.82 -19.36
N ASP A 20 12.22 5.73 -18.27
CA ASP A 20 11.29 6.82 -18.00
C ASP A 20 12.00 8.09 -17.49
N ASN A 21 13.32 8.03 -17.33
CA ASN A 21 13.99 9.18 -16.69
C ASN A 21 13.41 9.43 -15.29
N ASP A 22 13.20 8.29 -14.59
CA ASP A 22 12.59 8.31 -13.26
C ASP A 22 13.44 7.61 -12.24
N LEU A 23 14.73 7.41 -12.54
N LEU A 23 14.75 7.68 -12.40
CA LEU A 23 15.71 6.70 -11.69
CA LEU A 23 15.63 6.88 -11.55
C LEU A 23 16.94 7.59 -11.58
C LEU A 23 17.03 7.41 -11.60
N VAL A 24 17.57 7.59 -10.40
CA VAL A 24 18.96 8.08 -10.22
C VAL A 24 19.80 6.95 -9.70
N GLU A 25 20.82 6.58 -10.46
CA GLU A 25 21.72 5.51 -10.05
C GLU A 25 22.88 6.15 -9.28
N ILE A 26 23.11 5.62 -8.11
N ILE A 26 23.07 5.76 -8.02
CA ILE A 26 24.12 6.14 -7.26
CA ILE A 26 24.15 6.24 -7.15
C ILE A 26 25.16 5.04 -7.16
C ILE A 26 25.18 5.10 -7.06
N ASN A 27 26.33 5.30 -7.73
CA ASN A 27 27.34 4.25 -7.90
C ASN A 27 28.54 4.42 -6.92
N THR A 28 28.52 5.49 -6.12
CA THR A 28 29.53 5.70 -5.06
C THR A 28 29.03 5.11 -3.79
N PRO A 29 29.88 4.89 -2.79
CA PRO A 29 29.44 4.16 -1.57
C PRO A 29 28.42 4.94 -0.80
N ILE A 30 27.32 4.24 -0.42
CA ILE A 30 26.24 4.82 0.40
C ILE A 30 26.06 3.92 1.62
N ASP A 31 25.88 4.51 2.78
CA ASP A 31 25.77 3.73 4.00
C ASP A 31 24.31 3.27 4.20
N PRO A 32 24.08 1.98 4.42
CA PRO A 32 22.73 1.54 4.80
C PRO A 32 22.33 2.03 6.17
N ASN A 33 23.29 2.41 7.02
CA ASN A 33 22.93 3.01 8.30
C ASN A 33 22.51 4.46 8.03
N LEU A 34 21.19 4.67 7.90
CA LEU A 34 20.51 5.94 7.71
C LEU A 34 20.69 6.65 6.40
N GLU A 35 21.87 6.61 5.76
CA GLU A 35 22.06 7.46 4.57
C GLU A 35 21.16 7.08 3.41
N ALA A 36 21.07 5.76 3.09
CA ALA A 36 20.21 5.37 1.99
C ALA A 36 18.77 5.81 2.23
N ALA A 37 18.30 5.58 3.46
CA ALA A 37 16.92 5.94 3.81
C ALA A 37 16.72 7.45 3.86
N ALA A 38 17.74 8.24 4.26
CA ALA A 38 17.58 9.67 4.28
C ALA A 38 17.42 10.23 2.91
N ILE A 39 18.24 9.71 1.95
CA ILE A 39 18.12 10.14 0.55
C ILE A 39 16.73 9.76 0.06
N THR A 40 16.30 8.53 0.35
CA THR A 40 14.96 8.09 -0.11
C THR A 40 13.84 8.92 0.52
N ARG A 41 13.99 9.25 1.79
CA ARG A 41 13.01 10.11 2.48
C ARG A 41 12.87 11.42 1.77
N ARG A 42 14.03 12.05 1.47
N ARG A 42 14.00 12.06 1.40
CA ARG A 42 14.01 13.31 0.74
CA ARG A 42 13.89 13.35 0.72
C ARG A 42 13.33 13.21 -0.60
C ARG A 42 13.32 13.22 -0.68
N VAL A 43 13.63 12.11 -1.33
CA VAL A 43 12.93 11.81 -2.60
C VAL A 43 11.43 11.82 -2.40
N CYS A 44 10.96 11.07 -1.40
CA CYS A 44 9.52 10.93 -1.15
C CYS A 44 8.87 12.23 -0.76
N GLU A 45 9.58 13.10 0.01
CA GLU A 45 9.01 14.37 0.41
C GLU A 45 8.99 15.37 -0.70
N THR A 46 9.74 15.14 -1.81
CA THR A 46 9.81 16.07 -2.90
C THR A 46 9.38 15.50 -4.20
N ASN A 47 8.86 14.27 -4.25
CA ASN A 47 8.43 13.59 -5.45
C ASN A 47 9.51 13.50 -6.51
N ASP A 48 10.76 13.26 -6.08
CA ASP A 48 11.90 13.13 -7.00
C ASP A 48 11.99 11.74 -7.60
N LYS A 49 12.99 11.55 -8.42
CA LYS A 49 13.29 10.26 -9.03
C LYS A 49 13.65 9.21 -8.02
N ALA A 50 13.31 7.94 -8.30
CA ALA A 50 13.64 6.88 -7.39
C ALA A 50 15.15 6.66 -7.34
N PRO A 51 15.72 6.43 -6.16
CA PRO A 51 17.19 6.16 -6.07
C PRO A 51 17.51 4.72 -6.13
N LEU A 52 18.51 4.36 -6.92
CA LEU A 52 19.05 2.98 -7.00
C LEU A 52 20.50 3.08 -6.44
N PHE A 53 20.69 2.45 -5.31
CA PHE A 53 21.99 2.42 -4.63
C PHE A 53 22.70 1.16 -5.07
N ASN A 54 23.67 1.36 -6.01
CA ASN A 54 24.44 0.27 -6.59
C ASN A 54 25.69 -0.08 -5.80
N ASN A 55 26.04 0.71 -4.81
CA ASN A 55 27.31 0.55 -4.07
C ASN A 55 27.02 0.78 -2.61
N LEU A 56 26.41 -0.22 -2.02
N LEU A 56 26.35 -0.19 -1.99
CA LEU A 56 25.95 -0.11 -0.68
CA LEU A 56 26.07 -0.08 -0.52
C LEU A 56 27.05 -0.63 0.29
C LEU A 56 27.15 -0.62 0.31
N ILE A 57 27.47 0.16 1.26
CA ILE A 57 28.53 -0.21 2.22
C ILE A 57 28.02 -1.44 2.99
N GLY A 58 28.83 -2.53 2.90
CA GLY A 58 28.41 -3.79 3.53
C GLY A 58 27.89 -4.79 2.57
N MET A 59 27.67 -4.46 1.28
N MET A 59 27.72 -4.50 1.34
CA MET A 59 27.24 -5.43 0.16
CA MET A 59 27.38 -5.59 0.53
C MET A 59 28.39 -6.40 -0.05
C MET A 59 28.39 -6.73 0.69
N LYS A 60 28.04 -7.74 0.01
CA LYS A 60 29.09 -8.80 -0.18
C LYS A 60 28.47 -9.89 -0.96
N ASN A 61 29.16 -10.50 -1.91
CA ASN A 61 28.68 -11.79 -2.47
C ASN A 61 27.36 -11.50 -3.07
N GLY A 62 27.01 -10.32 -3.59
CA GLY A 62 25.90 -10.07 -4.36
C GLY A 62 24.79 -9.57 -3.51
N LEU A 63 24.88 -9.54 -2.15
CA LEU A 63 23.73 -9.06 -1.33
C LEU A 63 24.10 -7.78 -0.65
N PHE A 64 23.48 -6.63 -1.01
CA PHE A 64 22.51 -6.40 -2.07
C PHE A 64 22.59 -4.92 -2.42
N ARG A 65 22.00 -4.56 -3.56
CA ARG A 65 21.75 -3.16 -3.94
C ARG A 65 20.40 -2.79 -3.35
N ILE A 66 20.03 -1.51 -3.30
CA ILE A 66 18.72 -1.10 -2.82
C ILE A 66 18.07 -0.19 -3.86
N LEU A 67 16.78 -0.41 -4.12
CA LEU A 67 15.94 0.58 -4.84
C LEU A 67 15.01 1.22 -3.82
N GLY A 68 15.11 2.53 -3.61
CA GLY A 68 14.15 3.21 -2.75
C GLY A 68 12.97 3.78 -3.52
N ALA A 69 11.89 4.07 -2.78
CA ALA A 69 10.75 4.78 -3.32
C ALA A 69 10.11 4.08 -4.55
N PRO A 70 9.94 2.76 -4.53
CA PRO A 70 9.42 2.10 -5.73
C PRO A 70 8.02 2.45 -6.14
N GLY A 71 7.19 2.89 -5.21
CA GLY A 71 5.79 3.20 -5.45
C GLY A 71 5.43 4.61 -5.10
N SER A 72 6.38 5.50 -5.05
CA SER A 72 6.14 6.90 -4.66
C SER A 72 5.78 7.75 -5.87
N LEU A 73 5.55 9.03 -5.63
CA LEU A 73 4.97 9.92 -6.65
C LEU A 73 6.02 10.58 -7.49
N ARG A 74 5.63 10.90 -8.74
CA ARG A 74 6.46 11.75 -9.63
C ARG A 74 5.99 13.19 -9.49
N LYS A 75 6.86 14.13 -9.88
CA LYS A 75 6.62 15.53 -9.62
C LYS A 75 5.50 16.10 -10.51
N SER A 76 5.51 15.73 -11.74
N SER A 76 5.54 15.71 -11.74
CA SER A 76 4.49 16.31 -12.65
CA SER A 76 4.59 16.28 -12.73
C SER A 76 3.07 15.79 -12.34
C SER A 76 3.16 15.74 -12.55
N SER A 77 2.11 16.61 -12.65
CA SER A 77 0.74 16.18 -12.60
C SER A 77 0.46 15.16 -13.66
N ALA A 78 1.00 15.26 -14.83
CA ALA A 78 0.58 14.41 -15.96
C ALA A 78 0.93 12.95 -15.70
N ASP A 79 2.06 12.67 -15.08
CA ASP A 79 2.45 11.26 -14.78
C ASP A 79 2.68 11.07 -13.30
N ARG A 80 1.92 11.76 -12.46
CA ARG A 80 2.03 11.69 -11.01
C ARG A 80 2.12 10.27 -10.48
N TYR A 81 1.25 9.40 -11.03
CA TYR A 81 1.15 8.02 -10.56
C TYR A 81 1.88 7.05 -11.47
N GLY A 82 2.84 7.56 -12.26
CA GLY A 82 3.51 6.69 -13.22
C GLY A 82 4.23 5.51 -12.66
N ARG A 83 4.82 5.61 -11.44
CA ARG A 83 5.48 4.45 -10.89
C ARG A 83 4.48 3.36 -10.60
N LEU A 84 3.34 3.74 -10.11
N LEU A 84 3.23 3.66 -10.13
CA LEU A 84 2.35 2.77 -9.90
CA LEU A 84 2.09 2.66 -9.94
C LEU A 84 1.89 2.15 -11.22
C LEU A 84 1.63 2.09 -11.26
N ALA A 85 1.61 3.01 -12.25
CA ALA A 85 1.22 2.49 -13.59
C ALA A 85 2.24 1.48 -14.09
N ARG A 86 3.53 1.70 -13.82
CA ARG A 86 4.58 0.77 -14.25
C ARG A 86 4.54 -0.53 -13.51
N HIS A 87 3.84 -0.62 -12.37
CA HIS A 87 3.62 -1.94 -11.73
C HIS A 87 2.56 -2.77 -12.45
N LEU A 88 1.83 -2.20 -13.42
CA LEU A 88 0.59 -2.79 -13.88
C LEU A 88 0.43 -2.80 -15.42
N ALA A 89 1.48 -2.40 -16.15
CA ALA A 89 1.43 -2.34 -17.65
C ALA A 89 0.52 -1.24 -18.13
N LEU A 90 0.16 -0.27 -17.29
CA LEU A 90 -0.65 0.85 -17.70
C LEU A 90 0.21 1.97 -18.24
N PRO A 91 -0.34 2.82 -19.12
CA PRO A 91 0.37 4.00 -19.53
C PRO A 91 0.76 4.85 -18.33
N PRO A 92 1.93 5.57 -18.39
CA PRO A 92 2.39 6.27 -17.24
C PRO A 92 1.55 7.47 -16.82
N THR A 93 0.68 7.92 -17.74
CA THR A 93 -0.29 8.94 -17.50
C THR A 93 -1.60 8.42 -16.92
N ALA A 94 -1.68 7.15 -16.56
CA ALA A 94 -2.95 6.63 -16.01
C ALA A 94 -3.41 7.40 -14.80
N SER A 95 -4.74 7.59 -14.72
CA SER A 95 -5.32 8.19 -13.57
C SER A 95 -5.43 7.21 -12.41
N MET A 96 -5.64 7.76 -11.21
N MET A 96 -5.63 7.74 -11.19
CA MET A 96 -5.90 6.93 -10.07
CA MET A 96 -5.88 6.86 -10.05
C MET A 96 -7.12 6.05 -10.30
C MET A 96 -7.15 6.04 -10.26
N ARG A 97 -8.20 6.58 -10.89
CA ARG A 97 -9.35 5.75 -11.16
C ARG A 97 -8.95 4.56 -12.01
N GLU A 98 -8.14 4.79 -13.06
CA GLU A 98 -7.74 3.70 -13.93
C GLU A 98 -6.87 2.66 -13.19
N ILE A 99 -5.94 3.12 -12.34
CA ILE A 99 -5.10 2.20 -11.55
C ILE A 99 -5.97 1.37 -10.60
N LEU A 100 -6.91 1.99 -9.91
CA LEU A 100 -7.76 1.26 -8.98
C LEU A 100 -8.70 0.31 -9.69
N ASP A 101 -9.23 0.75 -10.85
CA ASP A 101 -10.04 -0.17 -11.65
C ASP A 101 -9.22 -1.36 -12.09
N LYS A 102 -7.97 -1.17 -12.49
CA LYS A 102 -7.15 -2.32 -12.85
C LYS A 102 -6.99 -3.26 -11.69
N MET A 103 -6.71 -2.72 -10.49
CA MET A 103 -6.56 -3.52 -9.28
C MET A 103 -7.83 -4.24 -8.87
N LEU A 104 -9.01 -3.72 -9.22
CA LEU A 104 -10.28 -4.36 -8.92
C LEU A 104 -10.75 -5.32 -10.02
N SER A 105 -10.17 -5.25 -11.20
CA SER A 105 -10.72 -5.95 -12.35
C SER A 105 -10.81 -7.45 -12.15
N ALA A 106 -9.86 -8.06 -11.43
CA ALA A 106 -9.88 -9.48 -11.21
C ALA A 106 -10.95 -9.96 -10.29
N SER A 107 -11.64 -9.04 -9.59
N SER A 107 -11.57 -9.07 -9.53
CA SER A 107 -12.67 -9.42 -8.66
CA SER A 107 -12.55 -9.51 -8.58
C SER A 107 -13.89 -10.02 -9.35
C SER A 107 -13.67 -10.35 -9.20
N ASP A 108 -14.08 -9.82 -10.62
N ASP A 108 -14.08 -9.88 -10.40
CA ASP A 108 -15.17 -10.74 -11.20
CA ASP A 108 -15.13 -10.38 -11.36
C ASP A 108 -14.60 -11.35 -12.45
C ASP A 108 -14.75 -11.67 -12.11
N MET A 109 -13.45 -11.97 -12.20
CA MET A 109 -12.89 -12.88 -13.20
C MET A 109 -12.54 -14.18 -12.52
N PRO A 110 -12.52 -15.28 -13.30
CA PRO A 110 -11.95 -16.53 -12.78
C PRO A 110 -10.47 -16.31 -12.48
N PRO A 111 -9.99 -16.87 -11.33
CA PRO A 111 -8.52 -16.85 -11.11
C PRO A 111 -7.79 -17.47 -12.25
N ILE A 112 -6.52 -17.06 -12.48
CA ILE A 112 -5.61 -17.76 -13.35
C ILE A 112 -4.51 -18.31 -12.50
N PRO A 113 -4.55 -19.59 -12.13
CA PRO A 113 -3.57 -20.11 -11.18
C PRO A 113 -2.18 -20.04 -11.73
N PRO A 114 -1.14 -19.99 -10.87
CA PRO A 114 0.23 -19.90 -11.30
C PRO A 114 0.74 -21.20 -11.98
N THR A 115 1.80 -21.03 -12.70
CA THR A 115 2.48 -22.13 -13.39
C THR A 115 3.80 -22.40 -12.70
N ILE A 116 4.06 -23.69 -12.42
CA ILE A 116 5.30 -24.07 -11.81
C ILE A 116 6.34 -24.28 -12.87
N VAL A 117 7.48 -23.66 -12.75
CA VAL A 117 8.62 -23.87 -13.58
C VAL A 117 9.77 -24.41 -12.75
N PRO A 118 10.78 -25.12 -13.42
CA PRO A 118 11.83 -25.79 -12.63
C PRO A 118 12.85 -24.90 -12.01
N THR A 119 13.07 -23.71 -12.60
CA THR A 119 14.12 -22.85 -12.03
C THR A 119 13.79 -21.42 -12.53
N GLY A 120 14.58 -20.49 -12.00
CA GLY A 120 14.46 -19.10 -12.41
C GLY A 120 15.65 -18.34 -11.86
N PRO A 121 15.71 -17.01 -12.15
CA PRO A 121 16.80 -16.20 -11.67
C PRO A 121 16.99 -16.15 -10.16
N CYS A 122 15.90 -16.35 -9.39
CA CYS A 122 16.04 -16.36 -7.94
C CYS A 122 16.87 -17.50 -7.39
N LYS A 123 17.24 -18.47 -8.28
CA LYS A 123 18.05 -19.60 -7.88
C LYS A 123 19.47 -19.41 -8.33
N GLU A 124 19.90 -18.26 -8.81
CA GLU A 124 21.29 -18.08 -9.26
C GLU A 124 22.29 -18.22 -8.17
N ASN A 125 21.94 -17.92 -6.93
CA ASN A 125 22.87 -18.02 -5.83
C ASN A 125 22.08 -18.53 -4.63
N SER A 126 22.80 -19.22 -3.70
CA SER A 126 22.18 -19.64 -2.50
C SER A 126 23.16 -19.57 -1.34
N LEU A 127 22.61 -19.47 -0.13
CA LEU A 127 23.39 -19.49 1.12
C LEU A 127 22.57 -20.35 2.09
N ASP A 128 23.20 -21.44 2.61
CA ASP A 128 22.59 -22.27 3.54
C ASP A 128 22.80 -21.64 4.92
N ASP A 129 22.24 -22.49 5.82
N ASP A 129 22.20 -22.22 6.00
CA ASP A 129 22.16 -22.08 7.11
CA ASP A 129 22.16 -21.46 7.27
C ASP A 129 23.50 -21.99 7.91
C ASP A 129 23.66 -21.36 7.85
N SER A 130 24.64 -22.21 7.29
CA SER A 130 26.07 -22.11 7.85
C SER A 130 26.77 -21.02 7.12
N GLU A 131 26.11 -20.40 6.09
CA GLU A 131 26.80 -19.41 5.22
C GLU A 131 26.32 -18.03 5.29
N PHE A 132 25.11 -17.78 5.77
CA PHE A 132 24.61 -16.41 5.92
C PHE A 132 24.56 -16.01 7.36
N ASP A 133 24.53 -14.68 7.55
CA ASP A 133 24.28 -14.08 8.87
C ASP A 133 23.55 -12.77 8.62
N LEU A 134 22.28 -12.73 9.00
CA LEU A 134 21.46 -11.53 8.66
C LEU A 134 22.00 -10.29 9.26
N THR A 135 22.80 -10.38 10.37
CA THR A 135 23.40 -9.18 10.96
C THR A 135 24.59 -8.69 10.15
N GLU A 136 25.10 -9.47 9.22
CA GLU A 136 26.25 -9.09 8.42
C GLU A 136 25.81 -8.55 7.07
N LEU A 137 24.57 -8.58 6.64
CA LEU A 137 24.10 -8.05 5.42
C LEU A 137 23.89 -6.51 5.59
N PRO A 138 23.86 -5.78 4.49
CA PRO A 138 23.71 -4.28 4.57
C PRO A 138 22.23 -3.85 4.72
N VAL A 139 21.61 -4.41 5.75
CA VAL A 139 20.23 -4.10 6.06
C VAL A 139 20.13 -2.65 6.51
N PRO A 140 19.18 -1.88 6.00
CA PRO A 140 19.13 -0.47 6.41
C PRO A 140 18.58 -0.23 7.78
N LEU A 141 19.16 0.80 8.43
CA LEU A 141 18.47 1.51 9.53
C LEU A 141 17.72 2.64 8.82
N ILE A 142 16.42 2.61 8.90
CA ILE A 142 15.57 3.52 8.04
C ILE A 142 15.31 4.86 8.74
N HIS A 143 15.10 4.84 10.05
CA HIS A 143 14.88 6.06 10.83
C HIS A 143 15.75 5.95 12.07
N LYS A 144 16.25 7.11 12.54
N LYS A 144 16.29 7.05 12.60
CA LYS A 144 17.27 7.09 13.56
CA LYS A 144 17.33 6.89 13.67
C LYS A 144 16.85 6.41 14.86
C LYS A 144 16.84 6.24 14.94
N SER A 145 15.56 6.43 15.24
CA SER A 145 14.98 5.84 16.39
C SER A 145 14.35 4.47 16.20
N ASP A 146 14.48 3.88 15.03
CA ASP A 146 13.89 2.55 14.86
C ASP A 146 14.46 1.55 15.81
N GLY A 147 13.70 0.53 16.17
CA GLY A 147 14.18 -0.50 17.10
C GLY A 147 14.91 -1.62 16.45
N GLY A 148 15.22 -1.53 15.18
CA GLY A 148 15.98 -2.58 14.51
C GLY A 148 16.21 -2.16 13.07
N LYS A 149 16.93 -2.98 12.35
N LYS A 149 16.98 -2.99 12.36
CA LYS A 149 17.21 -2.74 10.95
CA LYS A 149 17.31 -2.87 10.93
C LYS A 149 16.15 -3.49 10.15
C LYS A 149 16.15 -3.52 10.16
N TYR A 150 15.32 -2.68 9.48
CA TYR A 150 14.13 -3.21 8.78
C TYR A 150 14.47 -3.66 7.41
N ILE A 151 14.86 -4.94 7.32
CA ILE A 151 15.12 -5.65 6.07
C ILE A 151 13.89 -5.68 5.22
N GLN A 152 12.71 -5.76 5.84
CA GLN A 152 11.47 -6.04 5.13
C GLN A 152 10.53 -4.86 5.22
N THR A 153 10.52 -4.08 4.14
CA THR A 153 9.57 -3.02 3.93
C THR A 153 8.85 -3.12 2.58
N TYR A 154 9.28 -3.99 1.65
CA TYR A 154 8.64 -4.04 0.34
C TYR A 154 8.73 -5.42 -0.27
N GLY A 155 9.01 -6.44 0.52
CA GLY A 155 8.86 -7.81 0.10
C GLY A 155 7.49 -8.37 0.44
N MET A 156 7.28 -9.59 -0.07
CA MET A 156 6.03 -10.28 0.05
C MET A 156 6.19 -11.53 0.90
N HIS A 157 5.47 -11.59 2.02
CA HIS A 157 5.37 -12.82 2.81
C HIS A 157 4.43 -13.80 2.12
N ILE A 158 4.83 -15.08 2.12
CA ILE A 158 4.07 -16.15 1.54
C ILE A 158 3.78 -17.17 2.64
N VAL A 159 2.52 -17.36 2.97
CA VAL A 159 2.08 -18.40 3.91
C VAL A 159 0.85 -19.03 3.36
N GLN A 160 0.62 -20.30 3.73
CA GLN A 160 -0.48 -21.07 3.21
C GLN A 160 -1.26 -21.67 4.37
N SER A 161 -2.58 -21.76 4.22
CA SER A 161 -3.42 -22.41 5.21
C SER A 161 -2.98 -23.85 5.43
N PRO A 162 -3.22 -24.39 6.61
CA PRO A 162 -2.83 -25.81 6.86
C PRO A 162 -3.43 -26.77 5.83
N ASP A 163 -4.64 -26.53 5.38
CA ASP A 163 -5.29 -27.44 4.41
C ASP A 163 -4.83 -27.25 3.03
N GLY A 164 -3.97 -26.27 2.73
CA GLY A 164 -3.41 -26.07 1.41
C GLY A 164 -4.27 -25.27 0.46
N THR A 165 -5.43 -24.87 0.83
CA THR A 165 -6.40 -24.29 -0.08
C THR A 165 -6.25 -22.80 -0.31
N TRP A 166 -5.50 -22.11 0.52
CA TRP A 166 -5.33 -20.64 0.42
C TRP A 166 -3.86 -20.35 0.62
N THR A 167 -3.24 -19.69 -0.40
CA THR A 167 -1.89 -19.20 -0.23
C THR A 167 -1.96 -17.65 -0.28
N ASN A 168 -1.57 -17.01 0.80
CA ASN A 168 -1.64 -15.57 0.88
C ASN A 168 -0.31 -14.93 0.62
N TRP A 169 -0.36 -13.81 -0.13
CA TRP A 169 0.79 -12.92 -0.37
C TRP A 169 0.44 -11.55 0.23
N SER A 170 1.32 -11.05 1.10
CA SER A 170 1.07 -9.77 1.73
C SER A 170 2.39 -9.10 2.16
N ILE A 171 2.33 -7.78 2.28
CA ILE A 171 3.41 -7.00 2.88
C ILE A 171 3.10 -6.83 4.36
N ALA A 172 4.08 -7.12 5.21
CA ALA A 172 4.09 -6.79 6.65
C ALA A 172 5.52 -6.53 7.03
N ARG A 173 5.80 -5.55 7.88
CA ARG A 173 7.18 -5.17 8.20
C ARG A 173 7.88 -6.28 8.97
N ALA A 174 9.21 -6.31 8.82
CA ALA A 174 10.03 -7.19 9.68
C ALA A 174 11.44 -6.65 9.72
N MET A 175 12.07 -6.88 10.87
CA MET A 175 13.43 -6.43 11.19
C MET A 175 14.26 -7.61 11.62
N VAL A 176 15.59 -7.41 11.50
CA VAL A 176 16.54 -8.45 11.90
C VAL A 176 16.59 -8.58 13.45
N HIS A 177 16.40 -9.78 13.93
CA HIS A 177 16.53 -10.14 15.34
C HIS A 177 17.92 -10.67 15.67
N ASP A 178 18.44 -11.60 14.88
CA ASP A 178 19.78 -12.16 15.07
C ASP A 178 20.20 -12.78 13.78
N LYS A 179 21.30 -13.55 13.81
CA LYS A 179 21.86 -14.06 12.56
C LYS A 179 20.83 -14.84 11.67
N ASN A 180 19.90 -15.47 12.28
CA ASN A 180 18.99 -16.31 11.49
C ASN A 180 17.49 -16.11 11.88
N HIS A 181 17.14 -14.94 12.46
CA HIS A 181 15.74 -14.70 12.74
C HIS A 181 15.41 -13.23 12.46
N LEU A 182 14.11 -13.05 12.12
CA LEU A 182 13.47 -11.74 12.06
C LEU A 182 12.41 -11.64 13.12
N THR A 183 12.01 -10.43 13.50
CA THR A 183 10.73 -10.21 14.15
C THR A 183 9.90 -9.28 13.29
N GLY A 184 8.59 -9.36 13.41
CA GLY A 184 7.73 -8.51 12.60
C GLY A 184 6.36 -8.39 13.14
N LEU A 185 5.56 -7.54 12.49
N LEU A 185 5.58 -7.56 12.48
CA LEU A 185 4.11 -7.40 12.81
CA LEU A 185 4.25 -7.19 12.93
C LEU A 185 3.31 -8.46 12.15
C LEU A 185 3.25 -8.17 12.25
N VAL A 186 2.54 -9.03 13.04
CA VAL A 186 1.56 -10.05 12.61
C VAL A 186 0.31 -9.79 13.44
N ILE A 187 -0.65 -9.01 12.97
CA ILE A 187 -1.71 -8.48 13.77
C ILE A 187 -3.07 -8.70 13.12
N PRO A 188 -4.12 -8.87 13.92
CA PRO A 188 -5.47 -9.02 13.38
C PRO A 188 -5.92 -7.72 12.76
N PRO A 189 -6.72 -7.75 11.69
CA PRO A 189 -7.35 -8.90 11.07
C PRO A 189 -6.57 -9.39 9.82
N GLN A 190 -5.27 -9.10 9.76
CA GLN A 190 -4.51 -9.29 8.53
C GLN A 190 -4.45 -10.76 8.17
N HIS A 191 -4.34 -11.09 6.90
CA HIS A 191 -4.36 -12.48 6.48
C HIS A 191 -3.16 -13.26 6.99
N ILE A 192 -2.00 -12.67 7.12
CA ILE A 192 -0.88 -13.40 7.68
C ILE A 192 -1.21 -13.82 9.10
N TRP A 193 -1.89 -12.94 9.86
CA TRP A 193 -2.37 -13.30 11.20
C TRP A 193 -3.45 -14.37 11.16
N GLN A 194 -4.41 -14.24 10.25
CA GLN A 194 -5.46 -15.25 10.20
C GLN A 194 -4.88 -16.63 9.92
N ILE A 195 -3.95 -16.72 8.99
CA ILE A 195 -3.31 -18.02 8.71
C ILE A 195 -2.46 -18.44 9.85
N HIS A 196 -1.70 -17.58 10.48
N HIS A 196 -1.69 -17.57 10.50
CA HIS A 196 -0.96 -17.96 11.62
CA HIS A 196 -0.92 -17.91 11.70
C HIS A 196 -1.89 -18.64 12.67
C HIS A 196 -1.82 -18.57 12.76
N GLN A 197 -3.02 -18.01 12.95
CA GLN A 197 -3.95 -18.57 13.93
C GLN A 197 -4.37 -19.97 13.57
N MET A 198 -4.58 -20.25 12.28
CA MET A 198 -4.95 -21.59 11.90
C MET A 198 -3.85 -22.61 12.30
N TRP A 199 -2.60 -22.27 12.04
CA TRP A 199 -1.51 -23.16 12.42
C TRP A 199 -1.39 -23.25 13.95
N LYS A 200 -1.66 -22.16 14.65
N LYS A 200 -1.54 -22.13 14.65
CA LYS A 200 -1.49 -22.27 16.10
CA LYS A 200 -1.55 -22.23 16.15
C LYS A 200 -2.58 -23.13 16.70
C LYS A 200 -2.57 -23.22 16.64
N LYS A 201 -3.80 -23.10 16.13
CA LYS A 201 -4.87 -23.99 16.63
C LYS A 201 -4.58 -25.43 16.29
N GLU A 202 -3.98 -25.71 15.14
CA GLU A 202 -3.59 -27.09 14.84
C GLU A 202 -2.48 -27.55 15.78
N GLY A 203 -1.57 -26.65 16.18
CA GLY A 203 -0.63 -26.90 17.21
C GLY A 203 0.52 -27.77 16.97
N ARG A 204 0.70 -28.28 15.77
CA ARG A 204 1.71 -29.26 15.47
C ARG A 204 3.00 -28.71 15.00
N SER A 205 3.01 -27.67 14.20
N SER A 205 2.99 -27.59 14.28
CA SER A 205 4.28 -27.10 13.72
CA SER A 205 4.11 -27.21 13.36
C SER A 205 4.22 -25.64 13.52
C SER A 205 4.20 -25.69 13.37
N ASP A 206 5.43 -25.12 13.37
CA ASP A 206 5.60 -23.71 12.92
C ASP A 206 5.08 -23.58 11.50
N VAL A 207 4.82 -22.34 11.09
CA VAL A 207 4.22 -22.11 9.80
C VAL A 207 5.31 -22.10 8.72
N PRO A 208 5.22 -22.98 7.72
CA PRO A 208 6.13 -22.86 6.57
C PRO A 208 5.99 -21.45 5.97
N TRP A 209 7.11 -20.83 5.63
CA TRP A 209 7.12 -19.42 5.24
C TRP A 209 8.17 -19.15 4.25
N ALA A 210 7.92 -18.17 3.37
CA ALA A 210 8.94 -17.58 2.54
C ALA A 210 8.68 -16.07 2.49
N LEU A 211 9.75 -15.32 2.28
CA LEU A 211 9.64 -13.85 2.09
C LEU A 211 10.46 -13.56 0.84
N ALA A 212 9.76 -13.04 -0.18
CA ALA A 212 10.37 -12.78 -1.45
C ALA A 212 10.44 -11.29 -1.69
N PHE A 213 11.63 -10.80 -1.97
CA PHE A 213 11.89 -9.39 -2.22
C PHE A 213 12.09 -9.16 -3.70
N GLY A 214 11.64 -8.02 -4.22
CA GLY A 214 11.82 -7.79 -5.65
C GLY A 214 11.02 -8.74 -6.47
N VAL A 215 9.74 -8.91 -6.10
CA VAL A 215 8.82 -9.73 -6.82
C VAL A 215 8.25 -9.01 -7.99
N PRO A 216 7.48 -9.71 -8.85
CA PRO A 216 6.77 -9.01 -9.94
C PRO A 216 6.02 -7.83 -9.42
N PRO A 217 6.15 -6.69 -10.02
CA PRO A 217 5.41 -5.51 -9.52
C PRO A 217 3.92 -5.72 -9.41
N ALA A 218 3.29 -6.42 -10.35
CA ALA A 218 1.85 -6.58 -10.21
C ALA A 218 1.52 -7.40 -8.94
N ALA A 219 2.39 -8.32 -8.59
CA ALA A 219 2.23 -9.10 -7.35
C ALA A 219 2.39 -8.28 -6.09
N ILE A 220 3.35 -7.34 -6.05
CA ILE A 220 3.50 -6.54 -4.82
C ILE A 220 2.33 -5.61 -4.65
N MET A 221 1.69 -5.17 -5.76
N MET A 221 1.70 -5.17 -5.77
CA MET A 221 0.45 -4.36 -5.60
CA MET A 221 0.43 -4.37 -5.66
C MET A 221 -0.66 -5.19 -4.97
C MET A 221 -0.66 -5.19 -5.00
N ALA A 222 -0.89 -6.43 -5.47
CA ALA A 222 -1.91 -7.24 -4.82
C ALA A 222 -1.55 -7.57 -3.39
N SER A 223 -0.24 -7.72 -3.11
CA SER A 223 0.20 -7.99 -1.75
C SER A 223 -0.20 -6.90 -0.78
N SER A 224 -0.33 -5.66 -1.29
N SER A 224 -0.34 -5.65 -1.26
CA SER A 224 -0.70 -4.50 -0.48
CA SER A 224 -0.70 -4.51 -0.44
C SER A 224 -2.19 -4.21 -0.46
C SER A 224 -2.20 -4.23 -0.43
N MET A 225 -2.99 -5.05 -1.09
CA MET A 225 -4.44 -4.83 -1.22
C MET A 225 -5.21 -5.80 -0.39
N PRO A 226 -6.29 -5.36 0.26
CA PRO A 226 -7.13 -6.29 1.08
C PRO A 226 -8.15 -7.01 0.21
N ILE A 227 -7.69 -7.85 -0.71
CA ILE A 227 -8.60 -8.73 -1.44
C ILE A 227 -9.22 -9.71 -0.46
N PRO A 228 -10.31 -10.38 -0.81
CA PRO A 228 -11.07 -11.12 0.20
C PRO A 228 -10.33 -12.27 0.88
N ASP A 229 -10.87 -12.57 2.07
CA ASP A 229 -10.43 -13.76 2.80
C ASP A 229 -10.49 -15.00 1.89
N GLY A 230 -9.49 -15.86 1.99
CA GLY A 230 -9.52 -17.12 1.29
C GLY A 230 -9.09 -17.03 -0.17
N VAL A 231 -8.81 -15.82 -0.70
CA VAL A 231 -8.47 -15.66 -2.10
C VAL A 231 -6.94 -15.68 -2.25
N THR A 232 -6.42 -16.59 -3.05
CA THR A 232 -5.02 -16.69 -3.28
C THR A 232 -4.57 -15.57 -4.21
N GLU A 233 -3.70 -14.67 -3.71
CA GLU A 233 -3.28 -13.53 -4.50
C GLU A 233 -2.70 -13.93 -5.82
N ALA A 234 -1.96 -15.04 -5.91
CA ALA A 234 -1.33 -15.36 -7.20
C ALA A 234 -2.34 -15.50 -8.32
N GLY A 235 -3.48 -16.12 -8.04
CA GLY A 235 -4.52 -16.28 -9.07
C GLY A 235 -5.25 -15.01 -9.42
N TYR A 236 -5.35 -14.09 -8.45
CA TYR A 236 -5.94 -12.77 -8.67
C TYR A 236 -5.03 -11.96 -9.57
N VAL A 237 -3.72 -11.96 -9.28
CA VAL A 237 -2.76 -11.29 -10.14
C VAL A 237 -2.74 -11.90 -11.49
N GLY A 238 -2.81 -13.23 -11.60
CA GLY A 238 -2.90 -13.86 -12.91
C GLY A 238 -4.08 -13.34 -13.70
N ALA A 239 -5.26 -13.28 -13.08
CA ALA A 239 -6.42 -12.76 -13.79
C ALA A 239 -6.27 -11.33 -14.16
N MET A 240 -5.86 -10.48 -13.21
N MET A 240 -5.64 -10.53 -13.30
CA MET A 240 -5.60 -9.06 -13.51
CA MET A 240 -5.60 -9.08 -13.52
C MET A 240 -4.69 -8.86 -14.73
C MET A 240 -4.63 -8.78 -14.68
N THR A 241 -3.58 -9.56 -14.80
CA THR A 241 -2.58 -9.38 -15.83
C THR A 241 -2.90 -10.21 -17.06
N GLY A 242 -3.81 -11.09 -17.01
CA GLY A 242 -4.12 -11.98 -18.15
C GLY A 242 -3.13 -13.06 -18.36
N SER A 243 -2.27 -13.35 -17.41
CA SER A 243 -1.21 -14.34 -17.53
C SER A 243 -0.99 -15.11 -16.35
N SER A 244 -0.64 -16.37 -16.41
CA SER A 244 -0.33 -17.15 -15.26
C SER A 244 1.09 -16.80 -14.76
N LEU A 245 1.21 -16.49 -13.47
CA LEU A 245 2.55 -16.18 -12.95
C LEU A 245 3.42 -17.43 -12.86
N GLU A 246 4.69 -17.30 -13.21
CA GLU A 246 5.64 -18.39 -13.14
C GLU A 246 6.27 -18.42 -11.73
N LEU A 247 6.14 -19.54 -11.05
CA LEU A 247 6.69 -19.71 -9.68
C LEU A 247 7.64 -20.91 -9.68
N VAL A 248 8.71 -20.78 -8.88
N VAL A 248 8.43 -20.96 -8.64
CA VAL A 248 9.61 -21.90 -8.55
CA VAL A 248 9.38 -22.03 -8.49
C VAL A 248 9.40 -22.39 -7.10
C VAL A 248 9.35 -22.42 -7.06
N LYS A 249 9.58 -23.69 -6.84
CA LYS A 249 9.50 -24.18 -5.48
C LYS A 249 10.69 -23.70 -4.64
N CYS A 250 10.41 -23.37 -3.36
CA CYS A 250 11.45 -23.20 -2.42
C CYS A 250 12.32 -24.49 -2.35
N ASP A 251 13.54 -24.34 -1.87
CA ASP A 251 14.41 -25.50 -1.64
C ASP A 251 14.10 -26.27 -0.36
N THR A 252 13.78 -25.60 0.69
CA THR A 252 13.64 -26.16 2.00
C THR A 252 12.25 -26.36 2.43
N ASN A 253 11.25 -25.92 1.62
CA ASN A 253 9.84 -26.18 1.92
C ASN A 253 9.10 -26.24 0.59
N ASP A 254 7.79 -26.52 0.63
CA ASP A 254 6.99 -26.71 -0.54
C ASP A 254 6.20 -25.48 -0.93
N LEU A 255 6.55 -24.28 -0.46
CA LEU A 255 5.99 -23.09 -0.97
C LEU A 255 6.61 -22.71 -2.29
N TYR A 256 5.94 -21.85 -3.04
CA TYR A 256 6.33 -21.44 -4.37
C TYR A 256 6.55 -19.90 -4.41
N VAL A 257 7.64 -19.46 -4.99
CA VAL A 257 7.98 -18.06 -5.04
C VAL A 257 8.09 -17.62 -6.48
N PRO A 258 7.91 -16.31 -6.76
CA PRO A 258 8.05 -15.88 -8.14
C PRO A 258 9.42 -16.23 -8.65
N ALA A 259 9.47 -16.70 -9.92
CA ALA A 259 10.74 -17.17 -10.51
C ALA A 259 11.82 -16.11 -10.59
N THR A 260 11.42 -14.83 -10.80
CA THR A 260 12.33 -13.74 -10.92
C THR A 260 12.56 -12.91 -9.63
N SER A 261 12.10 -13.48 -8.51
CA SER A 261 12.35 -12.78 -7.26
C SER A 261 13.82 -12.39 -7.13
N GLU A 262 14.09 -11.20 -6.63
CA GLU A 262 15.52 -10.79 -6.43
C GLU A 262 16.17 -11.55 -5.28
N ILE A 263 15.47 -11.70 -4.16
CA ILE A 263 16.00 -12.32 -2.97
C ILE A 263 14.88 -13.10 -2.31
N VAL A 264 15.11 -14.34 -1.87
CA VAL A 264 14.16 -15.13 -1.18
C VAL A 264 14.68 -15.63 0.11
N LEU A 265 13.95 -15.42 1.19
CA LEU A 265 14.24 -16.08 2.49
C LEU A 265 13.28 -17.21 2.64
N GLU A 266 13.75 -18.39 3.05
CA GLU A 266 12.89 -19.55 3.31
C GLU A 266 12.97 -19.90 4.80
N GLY A 267 11.90 -20.24 5.46
CA GLY A 267 12.04 -20.68 6.85
C GLY A 267 10.66 -20.88 7.45
N THR A 268 10.50 -20.46 8.71
CA THR A 268 9.26 -20.70 9.41
C THR A 268 8.86 -19.47 10.22
N LEU A 269 7.56 -19.28 10.39
CA LEU A 269 6.99 -18.30 11.29
C LEU A 269 6.54 -19.07 12.51
N SER A 270 7.10 -18.71 13.67
CA SER A 270 6.81 -19.54 14.89
C SER A 270 5.40 -19.41 15.32
N ILE A 271 4.84 -20.57 15.78
CA ILE A 271 3.57 -20.55 16.47
C ILE A 271 3.70 -20.37 17.96
N SER A 272 4.91 -20.26 18.49
CA SER A 272 5.20 -20.14 19.90
C SER A 272 6.06 -18.99 20.32
N GLU A 273 7.05 -18.62 19.56
CA GLU A 273 8.11 -17.66 20.01
C GLU A 273 7.72 -16.28 19.57
N THR A 274 8.21 -15.30 20.32
CA THR A 274 8.15 -13.89 19.99
C THR A 274 9.44 -13.24 20.28
N GLY A 275 9.65 -12.01 19.84
CA GLY A 275 10.81 -11.29 20.23
C GLY A 275 10.57 -9.79 20.07
N PRO A 276 11.46 -8.94 20.54
CA PRO A 276 11.29 -7.51 20.44
C PRO A 276 11.11 -7.06 18.99
N GLU A 277 10.18 -6.17 18.79
CA GLU A 277 9.88 -5.63 17.47
C GLU A 277 9.52 -4.21 17.59
N GLY A 278 9.99 -3.37 16.65
CA GLY A 278 9.71 -1.97 16.68
C GLY A 278 10.52 -1.24 17.75
N PRO A 279 10.33 0.08 17.81
CA PRO A 279 9.42 0.87 17.03
C PRO A 279 9.88 1.05 15.57
N PHE A 280 8.95 1.48 14.73
CA PHE A 280 9.25 1.76 13.35
C PHE A 280 8.64 3.01 12.92
N GLY A 281 9.40 3.95 12.28
CA GLY A 281 8.74 5.09 11.69
C GLY A 281 7.94 4.75 10.53
N GLN A 282 6.66 5.04 10.59
CA GLN A 282 5.52 4.55 9.72
C GLN A 282 4.55 5.50 9.22
N MET A 283 3.52 4.94 8.57
CA MET A 283 2.65 5.47 7.55
C MET A 283 1.96 6.91 8.12
N HIS A 284 1.65 7.06 9.32
CA HIS A 284 1.08 8.27 9.90
C HIS A 284 2.10 9.35 10.16
N GLY A 285 3.37 8.98 10.10
CA GLY A 285 4.44 9.97 10.22
C GLY A 285 5.16 10.05 11.54
N TYR A 286 5.13 9.00 12.36
CA TYR A 286 5.65 9.07 13.73
C TYR A 286 6.56 7.94 14.04
N ILE A 287 7.44 8.14 14.99
N ILE A 287 7.49 8.18 14.98
CA ILE A 287 8.03 7.06 15.74
CA ILE A 287 8.31 7.17 15.67
C ILE A 287 8.08 7.44 17.22
C ILE A 287 8.16 7.48 17.20
N PHE A 288 7.73 6.51 18.03
CA PHE A 288 7.69 6.64 19.49
C PHE A 288 8.94 5.93 20.00
N PRO A 289 10.11 6.62 20.16
N PRO A 289 10.02 6.58 20.29
CA PRO A 289 11.38 5.94 20.50
CA PRO A 289 11.24 5.82 20.61
C PRO A 289 11.19 5.12 21.73
C PRO A 289 11.16 4.87 21.75
N GLY A 290 11.70 3.87 21.72
N GLY A 290 10.26 5.07 22.74
CA GLY A 290 11.65 3.04 22.84
CA GLY A 290 10.25 4.29 23.93
C GLY A 290 10.35 2.16 22.88
C GLY A 290 9.42 2.99 23.69
N ASP A 291 9.14 2.57 22.32
CA ASP A 291 7.99 1.65 22.31
C ASP A 291 8.36 0.39 21.43
N THR A 292 9.16 -0.38 22.13
CA THR A 292 9.20 -1.94 21.60
C THR A 292 8.07 -2.84 22.20
N HIS A 293 7.65 -3.80 21.42
CA HIS A 293 6.69 -4.73 21.89
C HIS A 293 7.11 -6.10 21.44
N LEU A 294 6.55 -7.10 21.87
CA LEU A 294 6.81 -8.43 21.37
C LEU A 294 6.13 -8.52 19.98
N GLY A 295 6.84 -9.01 19.01
CA GLY A 295 6.28 -9.36 17.71
C GLY A 295 6.50 -10.79 17.41
N ALA A 296 5.93 -11.19 16.27
CA ALA A 296 6.14 -12.50 15.74
C ALA A 296 7.61 -12.75 15.39
N LYS A 297 8.02 -13.98 15.44
CA LYS A 297 9.43 -14.35 15.21
C LYS A 297 9.50 -15.36 14.07
N TYR A 298 10.35 -15.05 13.09
CA TYR A 298 10.62 -15.85 11.91
C TYR A 298 12.00 -16.42 11.97
N LYS A 299 12.17 -17.68 11.62
CA LYS A 299 13.48 -18.34 11.47
C LYS A 299 13.79 -18.46 10.01
N VAL A 300 14.99 -18.05 9.62
CA VAL A 300 15.45 -18.15 8.24
C VAL A 300 16.37 -19.34 8.11
N ASN A 301 16.10 -20.25 7.22
CA ASN A 301 16.89 -21.46 6.97
C ASN A 301 17.69 -21.37 5.71
N ARG A 302 17.32 -20.55 4.75
CA ARG A 302 18.01 -20.50 3.48
C ARG A 302 17.77 -19.12 2.83
N ILE A 303 18.75 -18.66 2.08
CA ILE A 303 18.59 -17.46 1.22
C ILE A 303 18.89 -17.87 -0.20
N THR A 304 18.06 -17.52 -1.16
CA THR A 304 18.45 -17.63 -2.56
C THR A 304 18.32 -16.27 -3.21
N TYR A 305 19.06 -16.00 -4.27
CA TYR A 305 19.04 -14.65 -4.81
C TYR A 305 19.59 -14.59 -6.19
N ARG A 306 19.12 -13.58 -6.95
CA ARG A 306 19.68 -13.25 -8.23
C ARG A 306 21.08 -12.72 -8.13
N ASN A 307 21.85 -12.94 -9.23
CA ASN A 307 23.11 -12.18 -9.40
C ASN A 307 22.75 -10.68 -9.37
N ASN A 308 23.59 -9.93 -8.62
CA ASN A 308 23.44 -8.50 -8.51
C ASN A 308 22.03 -8.13 -7.97
N ALA A 309 21.61 -8.88 -6.98
CA ALA A 309 20.26 -8.71 -6.35
C ALA A 309 20.03 -7.28 -5.92
N ILE A 310 18.77 -6.88 -6.10
CA ILE A 310 18.29 -5.55 -5.66
C ILE A 310 17.17 -5.72 -4.65
N MET A 311 17.36 -5.10 -3.47
CA MET A 311 16.29 -5.07 -2.42
C MET A 311 15.51 -3.79 -2.54
N PRO A 312 14.18 -3.84 -2.77
CA PRO A 312 13.38 -2.62 -2.68
C PRO A 312 13.19 -2.21 -1.24
N MET A 313 13.07 -0.90 -1.01
CA MET A 313 12.94 -0.33 0.34
C MET A 313 11.96 0.82 0.31
N SER A 314 11.05 0.83 1.29
CA SER A 314 10.19 1.97 1.57
C SER A 314 10.73 2.74 2.74
N SER A 315 11.15 3.98 2.51
CA SER A 315 11.57 4.88 3.58
C SER A 315 10.33 5.67 3.99
N CYS A 316 9.51 5.08 4.82
CA CYS A 316 8.14 5.51 5.02
C CYS A 316 8.00 6.48 6.17
N GLY A 317 6.94 7.27 6.13
CA GLY A 317 6.71 8.25 7.17
C GLY A 317 5.73 9.33 6.71
N ARG A 318 6.11 10.59 6.86
CA ARG A 318 5.33 11.68 6.36
C ARG A 318 5.23 11.62 4.82
N LEU A 319 4.29 12.41 4.27
CA LEU A 319 3.96 12.28 2.84
C LEU A 319 5.16 12.49 1.94
N THR A 320 5.28 11.76 0.81
CA THR A 320 4.35 10.73 0.31
C THR A 320 5.18 9.51 -0.06
N ASP A 321 4.72 8.35 0.37
CA ASP A 321 5.43 7.11 0.08
C ASP A 321 4.44 6.00 -0.16
N GLU A 322 4.95 4.78 -0.25
CA GLU A 322 4.14 3.58 -0.53
C GLU A 322 3.07 3.35 0.49
N THR A 323 3.32 3.75 1.75
CA THR A 323 2.34 3.55 2.80
C THR A 323 1.15 4.45 2.64
N HIS A 324 1.21 5.44 1.75
CA HIS A 324 0.11 6.28 1.39
C HIS A 324 -0.45 5.89 0.03
N THR A 325 0.42 5.82 -0.97
CA THR A 325 -0.03 5.61 -2.35
C THR A 325 -0.63 4.24 -2.53
N MET A 326 -0.09 3.22 -1.88
CA MET A 326 -0.55 1.85 -2.05
C MET A 326 -1.49 1.48 -0.94
N ILE A 327 -1.13 1.66 0.34
CA ILE A 327 -2.03 1.17 1.38
C ILE A 327 -3.35 1.88 1.30
N GLY A 328 -3.33 3.21 1.29
CA GLY A 328 -4.56 3.97 1.32
C GLY A 328 -5.39 3.75 0.08
N SER A 329 -4.76 3.83 -1.10
CA SER A 329 -5.53 3.81 -2.35
C SER A 329 -6.15 2.44 -2.56
N LEU A 330 -5.39 1.38 -2.25
CA LEU A 330 -5.85 0.04 -2.47
C LEU A 330 -6.93 -0.35 -1.50
N ALA A 331 -6.85 0.12 -0.25
CA ALA A 331 -7.94 -0.07 0.70
C ALA A 331 -9.18 0.65 0.22
N ALA A 332 -9.01 1.90 -0.26
CA ALA A 332 -10.15 2.64 -0.79
C ALA A 332 -10.80 1.90 -1.96
N ALA A 333 -10.01 1.33 -2.84
CA ALA A 333 -10.58 0.56 -3.95
C ALA A 333 -11.46 -0.56 -3.46
N GLU A 334 -10.93 -1.33 -2.50
CA GLU A 334 -11.71 -2.44 -1.96
C GLU A 334 -12.95 -1.97 -1.27
N ILE A 335 -12.88 -0.82 -0.55
CA ILE A 335 -14.05 -0.27 0.13
C ILE A 335 -15.10 0.12 -0.93
N ARG A 336 -14.68 0.71 -2.07
CA ARG A 336 -15.63 1.06 -3.13
C ARG A 336 -16.42 -0.16 -3.55
N LYS A 337 -15.71 -1.24 -3.86
CA LYS A 337 -16.37 -2.47 -4.28
C LYS A 337 -17.27 -3.01 -3.23
N LEU A 338 -16.79 -3.08 -1.94
CA LEU A 338 -17.60 -3.57 -0.83
C LEU A 338 -18.89 -2.80 -0.73
N CYS A 339 -18.83 -1.47 -0.84
CA CYS A 339 -20.03 -0.70 -0.74
C CYS A 339 -21.01 -1.06 -1.88
N GLN A 340 -20.51 -1.15 -3.07
CA GLN A 340 -21.36 -1.50 -4.23
C GLN A 340 -21.98 -2.87 -4.06
N GLN A 341 -21.24 -3.85 -3.53
CA GLN A 341 -21.74 -5.17 -3.34
C GLN A 341 -22.80 -5.23 -2.24
N ASN A 342 -22.82 -4.22 -1.35
CA ASN A 342 -23.85 -4.08 -0.35
C ASN A 342 -24.98 -3.13 -0.77
N ASP A 343 -25.09 -2.87 -2.08
CA ASP A 343 -26.16 -2.10 -2.64
C ASP A 343 -26.11 -0.65 -2.24
N LEU A 344 -24.95 -0.13 -1.87
CA LEU A 344 -24.81 1.29 -1.55
C LEU A 344 -24.41 2.02 -2.82
N PRO A 345 -24.91 3.23 -3.04
CA PRO A 345 -24.75 4.00 -4.33
C PRO A 345 -23.43 4.75 -4.33
N ILE A 346 -22.33 4.04 -4.21
CA ILE A 346 -20.98 4.62 -4.19
C ILE A 346 -20.36 4.44 -5.53
N THR A 347 -19.85 5.51 -6.13
CA THR A 347 -19.19 5.41 -7.45
C THR A 347 -17.66 5.32 -7.35
N ASP A 348 -17.08 5.96 -6.34
CA ASP A 348 -15.63 6.17 -6.24
C ASP A 348 -15.28 6.27 -4.79
N ALA A 349 -14.05 5.88 -4.48
CA ALA A 349 -13.48 6.02 -3.15
C ALA A 349 -12.02 6.29 -3.23
N PHE A 350 -11.51 7.15 -2.33
CA PHE A 350 -10.09 7.42 -2.29
C PHE A 350 -9.73 7.82 -0.86
N ALA A 351 -8.51 7.51 -0.43
CA ALA A 351 -8.03 7.95 0.91
C ALA A 351 -7.21 9.20 0.73
N PRO A 352 -7.70 10.38 1.09
CA PRO A 352 -6.93 11.60 0.82
C PRO A 352 -5.57 11.55 1.49
N PHE A 353 -4.55 11.93 0.74
CA PHE A 353 -3.22 12.00 1.34
C PHE A 353 -3.20 13.00 2.46
N GLU A 354 -3.93 14.09 2.39
CA GLU A 354 -3.96 15.11 3.41
C GLU A 354 -4.43 14.59 4.73
N SER A 355 -5.21 13.49 4.72
CA SER A 355 -5.68 12.84 5.97
C SER A 355 -4.68 11.82 6.50
N GLN A 356 -3.48 11.76 5.88
CA GLN A 356 -2.53 10.73 6.25
C GLN A 356 -3.15 9.33 6.04
N VAL A 357 -3.96 9.23 4.95
CA VAL A 357 -4.71 8.03 4.59
C VAL A 357 -5.48 7.41 5.77
N THR A 358 -6.02 8.25 6.64
CA THR A 358 -6.89 7.81 7.72
C THR A 358 -8.36 8.06 7.38
N TRP A 359 -8.63 8.87 6.34
CA TRP A 359 -9.99 9.06 5.86
C TRP A 359 -10.12 8.35 4.52
N VAL A 360 -11.39 7.97 4.22
CA VAL A 360 -11.76 7.66 2.84
C VAL A 360 -12.97 8.51 2.48
N ALA A 361 -12.88 9.19 1.33
CA ALA A 361 -13.99 9.91 0.76
C ALA A 361 -14.74 9.00 -0.20
N LEU A 362 -16.06 8.94 -0.03
CA LEU A 362 -16.95 8.08 -0.83
C LEU A 362 -17.86 8.99 -1.63
N ARG A 363 -17.72 8.92 -2.96
CA ARG A 363 -18.58 9.69 -3.88
C ARG A 363 -19.87 8.95 -4.11
N VAL A 364 -20.97 9.63 -3.86
CA VAL A 364 -22.29 9.07 -3.92
C VAL A 364 -22.97 9.46 -5.22
N ASP A 365 -23.62 8.45 -5.84
CA ASP A 365 -24.54 8.70 -6.95
C ASP A 365 -25.85 9.15 -6.37
N THR A 366 -26.03 10.50 -6.39
CA THR A 366 -27.12 11.05 -5.63
C THR A 366 -28.48 10.84 -6.33
N GLU A 367 -28.51 10.52 -7.59
CA GLU A 367 -29.79 10.11 -8.22
C GLU A 367 -30.24 8.82 -7.54
N LYS A 368 -29.35 7.83 -7.42
CA LYS A 368 -29.68 6.63 -6.76
C LYS A 368 -30.03 6.90 -5.28
N LEU A 369 -29.25 7.77 -4.60
CA LEU A 369 -29.58 8.09 -3.22
C LEU A 369 -31.02 8.62 -3.09
N ARG A 370 -31.37 9.56 -3.98
CA ARG A 370 -32.72 10.10 -3.93
C ARG A 370 -33.79 9.04 -4.02
N ALA A 371 -33.57 8.03 -4.83
CA ALA A 371 -34.58 6.98 -4.97
C ALA A 371 -34.66 6.10 -3.75
N MET A 372 -33.67 6.05 -2.89
CA MET A 372 -33.70 5.30 -1.66
C MET A 372 -34.63 5.97 -0.65
N LYS A 373 -34.96 7.26 -0.77
CA LYS A 373 -35.83 7.89 0.14
C LYS A 373 -35.47 7.71 1.59
N THR A 374 -34.22 8.09 1.91
CA THR A 374 -33.62 7.85 3.20
C THR A 374 -33.18 9.20 3.83
N THR A 375 -32.48 9.09 4.94
CA THR A 375 -32.02 10.28 5.64
C THR A 375 -30.56 10.12 5.95
N SER A 376 -29.91 11.26 6.34
CA SER A 376 -28.51 11.19 6.67
C SER A 376 -28.21 10.22 7.79
N GLU A 377 -28.95 10.26 8.89
N GLU A 377 -28.96 10.23 8.88
CA GLU A 377 -28.67 9.39 10.03
CA GLU A 377 -28.58 9.39 9.98
C GLU A 377 -28.73 7.94 9.57
C GLU A 377 -28.74 7.93 9.63
N GLY A 378 -29.79 7.57 8.85
CA GLY A 378 -29.89 6.19 8.44
C GLY A 378 -28.81 5.79 7.49
N PHE A 379 -28.51 6.63 6.49
CA PHE A 379 -27.52 6.30 5.50
C PHE A 379 -26.10 6.21 6.12
N ARG A 380 -25.78 7.18 6.98
CA ARG A 380 -24.44 7.07 7.65
C ARG A 380 -24.29 5.86 8.42
N LYS A 381 -25.32 5.43 9.15
CA LYS A 381 -25.24 4.21 9.94
C LYS A 381 -25.05 3.02 9.00
N ARG A 382 -25.79 2.96 7.90
CA ARG A 382 -25.67 1.82 7.00
C ARG A 382 -24.26 1.73 6.39
N VAL A 383 -23.74 2.86 5.93
CA VAL A 383 -22.41 2.87 5.32
C VAL A 383 -21.36 2.46 6.37
N GLY A 384 -21.40 3.07 7.55
CA GLY A 384 -20.43 2.75 8.52
C GLY A 384 -20.49 1.31 9.01
N ASP A 385 -21.69 0.78 9.13
CA ASP A 385 -21.80 -0.65 9.49
C ASP A 385 -21.13 -1.51 8.41
N VAL A 386 -21.38 -1.26 7.17
CA VAL A 386 -20.74 -2.08 6.14
C VAL A 386 -19.22 -1.96 6.23
N VAL A 387 -18.69 -0.76 6.22
CA VAL A 387 -17.27 -0.57 6.05
C VAL A 387 -16.50 -0.88 7.32
N PHE A 388 -16.95 -0.37 8.45
CA PHE A 388 -16.17 -0.49 9.66
C PHE A 388 -16.25 -1.86 10.30
N ASN A 389 -17.18 -2.70 9.86
CA ASN A 389 -17.26 -4.10 10.28
C ASN A 389 -16.49 -4.99 9.36
N HIS A 390 -15.79 -4.51 8.36
CA HIS A 390 -15.09 -5.33 7.40
C HIS A 390 -13.59 -5.04 7.49
N LYS A 391 -12.79 -6.05 7.17
CA LYS A 391 -11.37 -5.86 7.10
C LYS A 391 -10.91 -4.77 6.16
N ALA A 392 -11.60 -4.54 5.05
CA ALA A 392 -11.17 -3.49 4.13
C ALA A 392 -11.23 -2.08 4.80
N GLY A 393 -12.10 -1.95 5.79
CA GLY A 393 -12.19 -0.70 6.53
C GLY A 393 -11.25 -0.55 7.71
N TYR A 394 -10.38 -1.55 7.97
CA TYR A 394 -9.57 -1.57 9.18
C TYR A 394 -8.78 -0.29 9.40
N THR A 395 -8.05 0.17 8.37
CA THR A 395 -7.13 1.27 8.53
C THR A 395 -7.80 2.64 8.57
N ILE A 396 -9.09 2.68 8.21
CA ILE A 396 -9.78 3.94 7.98
C ILE A 396 -10.65 4.30 9.17
N HIS A 397 -10.42 5.52 9.70
CA HIS A 397 -11.14 5.98 10.87
C HIS A 397 -12.21 7.04 10.55
N ARG A 398 -12.20 7.66 9.40
CA ARG A 398 -13.26 8.64 9.06
C ARG A 398 -13.68 8.38 7.62
N LEU A 399 -14.97 8.17 7.40
CA LEU A 399 -15.53 8.13 6.08
C LEU A 399 -16.20 9.43 5.83
N VAL A 400 -15.98 10.05 4.66
CA VAL A 400 -16.61 11.32 4.30
C VAL A 400 -17.49 11.04 3.11
N LEU A 401 -18.81 11.22 3.25
CA LEU A 401 -19.76 11.03 2.15
C LEU A 401 -19.88 12.34 1.39
N VAL A 402 -19.69 12.30 0.05
CA VAL A 402 -19.78 13.51 -0.77
C VAL A 402 -20.66 13.20 -1.98
N GLY A 403 -21.29 14.23 -2.51
CA GLY A 403 -22.09 14.10 -3.72
C GLY A 403 -21.27 14.15 -4.98
N ASP A 404 -22.04 14.07 -6.09
CA ASP A 404 -21.46 13.89 -7.39
C ASP A 404 -20.61 14.96 -7.89
N ASP A 405 -20.70 16.17 -7.36
CA ASP A 405 -19.87 17.24 -7.82
C ASP A 405 -18.43 17.15 -7.34
N ILE A 406 -18.14 16.31 -6.37
CA ILE A 406 -16.81 16.23 -5.79
C ILE A 406 -15.99 15.11 -6.40
N ASP A 407 -14.79 15.45 -6.84
CA ASP A 407 -13.80 14.44 -7.31
C ASP A 407 -13.01 13.98 -6.11
N VAL A 408 -13.27 12.77 -5.65
CA VAL A 408 -12.67 12.29 -4.42
C VAL A 408 -11.16 12.04 -4.59
N TYR A 409 -10.67 12.01 -5.80
CA TYR A 409 -9.22 11.87 -6.02
C TYR A 409 -8.51 13.17 -5.86
N GLU A 410 -9.21 14.30 -5.62
CA GLU A 410 -8.63 15.60 -5.44
C GLU A 410 -8.84 16.02 -4.00
N GLY A 411 -7.79 15.96 -3.20
CA GLY A 411 -7.91 16.24 -1.79
C GLY A 411 -8.44 17.64 -1.49
N LYS A 412 -8.09 18.63 -2.29
N LYS A 412 -8.07 18.63 -2.25
CA LYS A 412 -8.61 20.01 -2.11
CA LYS A 412 -8.57 19.94 -1.90
C LYS A 412 -10.12 20.03 -2.14
C LYS A 412 -10.09 19.99 -2.06
N ASP A 413 -10.70 19.25 -3.01
CA ASP A 413 -12.15 19.24 -3.13
C ASP A 413 -12.83 18.47 -2.02
N VAL A 414 -12.22 17.37 -1.57
CA VAL A 414 -12.70 16.67 -0.40
C VAL A 414 -12.68 17.56 0.83
N LEU A 415 -11.58 18.31 1.02
N LEU A 415 -11.59 18.30 1.05
CA LEU A 415 -11.47 19.17 2.18
CA LEU A 415 -11.52 19.13 2.24
C LEU A 415 -12.52 20.28 2.12
C LEU A 415 -12.54 20.29 2.12
N TRP A 416 -12.73 20.84 0.95
CA TRP A 416 -13.77 21.84 0.76
C TRP A 416 -15.12 21.33 1.17
N ALA A 417 -15.49 20.16 0.63
CA ALA A 417 -16.81 19.57 0.92
C ALA A 417 -16.94 19.26 2.41
N PHE A 418 -15.93 18.61 3.00
CA PHE A 418 -15.98 18.24 4.42
C PHE A 418 -16.19 19.46 5.29
N SER A 419 -15.44 20.54 4.99
N SER A 419 -15.41 20.53 5.03
CA SER A 419 -15.42 21.72 5.80
CA SER A 419 -15.43 21.66 5.89
C SER A 419 -16.66 22.55 5.73
C SER A 419 -16.66 22.52 5.75
N THR A 420 -17.40 22.43 4.64
CA THR A 420 -18.53 23.31 4.37
C THR A 420 -19.87 22.63 4.37
N ARG A 421 -19.92 21.27 4.27
CA ARG A 421 -21.15 20.54 4.12
C ARG A 421 -21.49 19.61 5.25
N CYS A 422 -20.53 19.31 6.13
CA CYS A 422 -20.76 18.40 7.27
C CYS A 422 -20.74 19.17 8.59
N ARG A 423 -21.92 19.34 9.20
CA ARG A 423 -22.04 20.02 10.49
C ARG A 423 -21.42 19.13 11.55
N PRO A 424 -20.40 19.58 12.29
CA PRO A 424 -19.81 18.75 13.35
C PRO A 424 -20.87 18.23 14.29
N GLY A 425 -20.79 16.97 14.66
CA GLY A 425 -21.73 16.38 15.60
C GLY A 425 -23.00 15.91 14.92
N MET A 426 -23.86 16.84 14.53
CA MET A 426 -25.14 16.50 13.99
C MET A 426 -25.09 15.67 12.72
N ASP A 427 -24.14 15.97 11.84
CA ASP A 427 -24.03 15.30 10.57
C ASP A 427 -23.03 14.13 10.61
N GLU A 428 -22.74 13.63 11.79
CA GLU A 428 -21.77 12.56 11.98
C GLU A 428 -22.31 11.46 12.83
N THR A 429 -21.84 10.25 12.63
CA THR A 429 -22.12 9.12 13.54
C THR A 429 -20.84 8.52 13.96
N LEU A 430 -20.61 8.43 15.29
CA LEU A 430 -19.46 7.83 15.88
C LEU A 430 -19.67 6.30 16.04
N PHE A 431 -18.60 5.57 15.86
CA PHE A 431 -18.61 4.12 16.00
C PHE A 431 -17.55 3.73 17.02
N GLU A 432 -17.96 3.34 18.23
CA GLU A 432 -17.09 2.96 19.25
C GLU A 432 -16.93 1.44 19.39
N ASP A 433 -17.79 0.68 18.80
CA ASP A 433 -17.78 -0.76 18.97
C ASP A 433 -17.40 -1.43 17.67
N VAL A 434 -16.32 -0.99 17.05
CA VAL A 434 -15.72 -1.54 15.86
C VAL A 434 -14.23 -1.70 16.11
N ARG A 435 -13.57 -2.51 15.33
CA ARG A 435 -12.12 -2.63 15.47
C ARG A 435 -11.44 -1.31 15.10
N GLY A 436 -10.52 -0.86 15.91
CA GLY A 436 -9.73 0.32 15.63
C GLY A 436 -8.36 -0.03 15.16
N PHE A 437 -7.69 0.93 14.51
CA PHE A 437 -6.33 0.74 13.96
C PHE A 437 -5.32 1.27 14.93
N PRO A 438 -4.62 0.41 15.67
CA PRO A 438 -3.79 0.93 16.80
C PRO A 438 -2.62 1.75 16.38
N LEU A 439 -2.13 1.64 15.14
N LEU A 439 -2.19 1.65 15.14
CA LEU A 439 -0.97 2.36 14.61
CA LEU A 439 -1.01 2.30 14.75
C LEU A 439 -1.18 3.85 14.55
C LEU A 439 -1.20 3.81 14.58
N ILE A 440 -2.43 4.28 14.43
CA ILE A 440 -2.65 5.75 14.43
C ILE A 440 -2.28 6.28 15.78
N PRO A 441 -1.54 7.38 15.91
CA PRO A 441 -1.12 7.84 17.24
C PRO A 441 -2.24 8.03 18.22
N TYR A 442 -3.37 8.62 17.77
CA TYR A 442 -4.49 8.86 18.68
C TYR A 442 -5.15 7.59 19.16
N MET A 443 -4.82 6.42 18.59
CA MET A 443 -5.32 5.13 19.00
C MET A 443 -4.32 4.53 19.99
N GLY A 444 -3.22 3.95 19.49
CA GLY A 444 -2.29 3.25 20.35
C GLY A 444 -1.53 4.08 21.32
N HIS A 445 -1.38 5.39 21.07
CA HIS A 445 -0.75 6.29 21.99
C HIS A 445 -1.71 7.34 22.50
N GLY A 446 -3.02 7.09 22.43
CA GLY A 446 -4.04 8.04 22.73
C GLY A 446 -4.71 7.84 24.05
N ASN A 447 -5.88 8.45 24.18
CA ASN A 447 -6.65 8.51 25.43
C ASN A 447 -7.62 7.40 25.63
N GLY A 448 -7.85 6.54 24.64
CA GLY A 448 -8.82 5.50 24.72
C GLY A 448 -8.27 4.16 24.34
N PRO A 449 -9.16 3.17 24.20
CA PRO A 449 -8.76 1.82 23.87
C PRO A 449 -7.98 1.81 22.58
N ALA A 450 -6.82 1.13 22.53
CA ALA A 450 -5.98 1.14 21.37
C ALA A 450 -6.62 0.42 20.19
N HIS A 451 -7.46 -0.59 20.46
CA HIS A 451 -7.95 -1.52 19.44
C HIS A 451 -9.38 -1.41 19.15
N ARG A 452 -10.09 -0.44 19.73
CA ARG A 452 -11.55 -0.39 19.56
C ARG A 452 -11.99 1.05 19.44
N GLY A 453 -12.88 1.26 18.51
CA GLY A 453 -13.57 2.56 18.39
C GLY A 453 -12.75 3.61 17.71
N GLY A 454 -13.19 4.87 17.95
CA GLY A 454 -12.50 6.00 17.38
C GLY A 454 -12.83 6.25 15.91
N LYS A 455 -13.95 5.70 15.42
CA LYS A 455 -14.30 5.84 14.01
C LYS A 455 -15.52 6.71 13.85
N VAL A 456 -15.69 7.28 12.67
CA VAL A 456 -16.79 8.23 12.40
C VAL A 456 -17.16 8.18 10.95
N VAL A 457 -18.48 8.33 10.68
CA VAL A 457 -18.96 8.67 9.35
C VAL A 457 -19.38 10.11 9.38
N SER A 458 -18.79 10.94 8.51
CA SER A 458 -19.07 12.35 8.37
C SER A 458 -19.83 12.56 7.08
N ASP A 459 -21.08 12.99 7.19
CA ASP A 459 -21.91 13.16 5.99
C ASP A 459 -21.77 14.57 5.44
N ALA A 460 -21.06 14.70 4.33
CA ALA A 460 -20.92 15.96 3.59
C ALA A 460 -21.87 16.01 2.41
N LEU A 461 -22.95 15.21 2.42
CA LEU A 461 -24.09 15.43 1.53
C LEU A 461 -24.96 16.51 2.10
N MET A 462 -25.41 17.43 1.28
CA MET A 462 -26.33 18.48 1.71
C MET A 462 -27.75 17.95 1.74
N PRO A 463 -28.67 18.60 2.47
CA PRO A 463 -30.01 18.02 2.67
C PRO A 463 -30.75 17.72 1.41
N THR A 464 -30.70 18.62 0.42
CA THR A 464 -31.49 18.37 -0.82
C THR A 464 -30.92 17.26 -1.61
N GLU A 465 -29.68 16.84 -1.37
CA GLU A 465 -29.14 15.72 -2.13
C GLU A 465 -29.90 14.41 -1.83
N TYR A 466 -30.56 14.34 -0.68
CA TYR A 466 -31.41 13.20 -0.34
C TYR A 466 -32.79 13.29 -0.90
N THR A 467 -33.24 14.46 -1.39
CA THR A 467 -34.67 14.72 -1.70
C THR A 467 -34.81 15.10 -3.17
N THR A 468 -34.53 16.35 -3.50
CA THR A 468 -34.90 16.93 -4.78
C THR A 468 -33.70 17.24 -5.66
N GLY A 469 -32.49 17.27 -5.12
CA GLY A 469 -31.30 17.51 -5.95
C GLY A 469 -30.47 18.69 -5.40
N ARG A 470 -29.25 18.78 -5.81
CA ARG A 470 -28.35 19.90 -5.49
C ARG A 470 -29.04 21.20 -5.74
N ASN A 471 -28.92 22.14 -4.78
CA ASN A 471 -29.61 23.44 -4.80
C ASN A 471 -28.66 24.64 -4.78
N TRP A 472 -27.38 24.41 -5.08
CA TRP A 472 -26.38 25.44 -5.14
C TRP A 472 -25.61 25.36 -6.43
N GLU A 473 -24.88 26.45 -6.68
CA GLU A 473 -23.81 26.45 -7.60
C GLU A 473 -22.54 26.93 -6.93
N ALA A 474 -21.37 26.42 -7.28
CA ALA A 474 -20.16 26.91 -6.63
C ALA A 474 -19.88 28.34 -7.05
N ALA A 475 -19.33 29.10 -6.10
CA ALA A 475 -18.79 30.45 -6.32
C ALA A 475 -17.37 30.32 -6.81
N ASP A 476 -17.20 29.75 -8.01
CA ASP A 476 -15.92 29.54 -8.59
C ASP A 476 -15.98 29.92 -10.06
N PHE A 477 -14.79 29.97 -10.69
CA PHE A 477 -14.77 30.36 -12.12
C PHE A 477 -15.60 29.40 -12.92
N ASN A 478 -15.51 28.10 -12.61
CA ASN A 478 -16.17 27.08 -13.43
C ASN A 478 -17.69 27.24 -13.42
N GLN A 479 -18.29 27.48 -12.25
CA GLN A 479 -19.74 27.36 -12.10
C GLN A 479 -20.43 28.70 -12.01
N SER A 480 -19.75 29.82 -11.82
N SER A 480 -19.79 29.83 -11.75
CA SER A 480 -20.39 31.05 -11.59
CA SER A 480 -20.51 31.08 -11.57
C SER A 480 -20.42 31.97 -12.78
C SER A 480 -20.53 31.98 -12.81
N TYR A 481 -20.00 31.47 -13.95
CA TYR A 481 -19.91 32.28 -15.16
C TYR A 481 -20.33 31.40 -16.35
N PRO A 482 -21.03 31.94 -17.34
CA PRO A 482 -21.39 31.16 -18.52
C PRO A 482 -20.23 30.72 -19.32
N GLU A 483 -20.45 29.64 -20.12
CA GLU A 483 -19.41 29.05 -20.92
C GLU A 483 -18.75 30.02 -21.87
N ASP A 484 -19.54 30.80 -22.54
N ASP A 484 -19.55 30.81 -22.55
CA ASP A 484 -18.96 31.69 -23.54
CA ASP A 484 -18.95 31.70 -23.56
C ASP A 484 -18.07 32.76 -22.91
C ASP A 484 -17.93 32.67 -22.88
N LEU A 485 -18.40 33.20 -21.74
CA LEU A 485 -17.61 34.17 -21.02
C LEU A 485 -16.32 33.54 -20.52
N LYS A 486 -16.43 32.36 -19.94
CA LYS A 486 -15.24 31.67 -19.47
C LYS A 486 -14.19 31.54 -20.63
N GLN A 487 -14.74 31.09 -21.77
CA GLN A 487 -13.81 30.84 -22.89
C GLN A 487 -13.17 32.15 -23.40
N LYS A 488 -13.93 33.22 -23.38
CA LYS A 488 -13.36 34.53 -23.74
C LYS A 488 -12.26 34.95 -22.79
N VAL A 489 -12.48 34.78 -21.51
CA VAL A 489 -11.48 35.08 -20.53
C VAL A 489 -10.19 34.30 -20.77
N LEU A 490 -10.39 33.00 -20.95
CA LEU A 490 -9.23 32.15 -21.19
C LEU A 490 -8.48 32.54 -22.49
N ASP A 491 -9.29 32.82 -23.54
CA ASP A 491 -8.63 33.07 -24.81
C ASP A 491 -7.89 34.44 -24.78
N ASN A 492 -8.31 35.40 -23.93
CA ASN A 492 -7.67 36.73 -23.87
C ASN A 492 -6.70 36.84 -22.69
N TRP A 493 -6.45 35.77 -21.94
CA TRP A 493 -5.71 35.81 -20.67
C TRP A 493 -4.30 36.33 -20.84
N THR A 494 -3.56 35.77 -21.76
CA THR A 494 -2.11 36.19 -21.89
C THR A 494 -2.11 37.53 -22.57
N LYS A 495 -3.01 37.81 -23.52
CA LYS A 495 -3.22 39.05 -24.25
C LYS A 495 -3.28 40.16 -23.27
N MET A 496 -4.17 40.01 -22.27
CA MET A 496 -4.50 41.09 -21.34
C MET A 496 -3.33 41.40 -20.53
N GLY A 497 -2.42 40.44 -20.21
CA GLY A 497 -1.23 40.43 -19.34
C GLY A 497 -0.97 39.43 -18.20
N PHE A 498 -1.82 38.43 -18.06
CA PHE A 498 -1.78 37.45 -16.98
C PHE A 498 -0.84 36.30 -17.32
N SER A 499 -0.62 35.30 -16.43
CA SER A 499 0.27 34.14 -16.79
C SER A 499 -0.46 32.96 -17.19
N HIS A 503 2.43 24.26 -18.71
CA HIS A 503 2.03 23.44 -19.87
C HIS A 503 1.70 22.08 -19.27
N HIS A 504 0.83 21.33 -19.96
CA HIS A 504 0.26 20.13 -19.28
C HIS A 504 1.31 19.09 -18.89
N HIS A 505 2.35 18.97 -19.70
CA HIS A 505 3.50 18.06 -19.32
C HIS A 505 4.74 18.72 -18.46
N HIS A 506 4.77 20.05 -18.20
CA HIS A 506 5.90 20.74 -17.52
#